data_5E4Q
#
_entry.id   5E4Q
#
_cell.length_a   185.101
_cell.length_b   39.028
_cell.length_c   52.408
_cell.angle_alpha   90.000
_cell.angle_beta   96.900
_cell.angle_gamma   90.000
#
_symmetry.space_group_name_H-M   'C 1 2 1'
#
loop_
_entity.id
_entity.type
_entity.pdbx_description
1 polymer Contactin-3
2 water water
#
_entity_poly.entity_id   1
_entity_poly.type   'polypeptide(L)'
_entity_poly.pdbx_seq_one_letter_code
;VKVDEITDTTAQLSWTEGTDSHSPVISYAVQARTPFSVGWQSVRTVPEVIDGKTHTATVVELNPWVEYEFRIVASNKIGG
GEPSLPSEKVRTEEAAPEIAPSEVSGGGGSRSELVITWDPVPEELQNGGGFGYVVAFRPLGVTTWIQTVVTSPDNPRYVF
RNESIVPFSPYEVKVGVYNNKGEGPFSPVTTVFSAEEEPTVAPSHISAHSLSSSEIEVSWNTIPWKLSNGHLLGYEVRYW
NNGGEEESSRKVKVAGNQTSAVLRGLKSNLAYYTAVRAYNSAGAGPFSATVNATTKK
;
_entity_poly.pdbx_strand_id   A
#
# COMPACT_ATOMS: atom_id res chain seq x y z
N VAL A 1 3.69 23.75 -38.82
CA VAL A 1 3.03 22.99 -37.74
C VAL A 1 3.13 23.74 -36.40
N LYS A 2 2.21 24.67 -36.17
CA LYS A 2 2.22 25.51 -34.96
C LYS A 2 0.97 25.33 -34.10
N VAL A 3 1.19 25.27 -32.78
CA VAL A 3 0.09 25.18 -31.84
C VAL A 3 -0.22 26.57 -31.29
N ASP A 4 -1.48 26.98 -31.39
CA ASP A 4 -1.81 28.34 -30.98
C ASP A 4 -2.68 28.35 -29.73
N GLU A 5 -3.96 28.05 -29.87
CA GLU A 5 -4.81 27.94 -28.71
C GLU A 5 -4.47 26.66 -27.95
N ILE A 6 -4.71 26.69 -26.65
CA ILE A 6 -4.33 25.59 -25.79
C ILE A 6 -5.20 25.63 -24.54
N THR A 7 -5.72 24.47 -24.15
CA THR A 7 -6.54 24.39 -22.95
C THR A 7 -6.11 23.19 -22.10
N ASP A 8 -7.03 22.61 -21.34
CA ASP A 8 -6.65 21.46 -20.54
C ASP A 8 -6.90 20.14 -21.29
N THR A 9 -7.88 20.13 -22.18
CA THR A 9 -8.17 18.94 -22.97
C THR A 9 -8.11 19.16 -24.49
N THR A 10 -7.91 20.40 -24.91
CA THR A 10 -7.82 20.69 -26.34
C THR A 10 -6.61 21.53 -26.70
N ALA A 11 -6.12 21.30 -27.91
CA ALA A 11 -5.09 22.14 -28.52
C ALA A 11 -5.49 22.46 -29.94
N GLN A 12 -5.08 23.63 -30.40
CA GLN A 12 -5.35 24.05 -31.77
C GLN A 12 -4.07 23.98 -32.55
N LEU A 13 -4.13 23.30 -33.70
CA LEU A 13 -2.98 23.16 -34.58
C LEU A 13 -3.25 23.75 -35.95
N SER A 14 -2.19 24.25 -36.58
CA SER A 14 -2.26 24.72 -37.96
C SER A 14 -1.04 24.20 -38.71
N TRP A 15 -1.18 24.01 -40.03
CA TRP A 15 -0.09 23.53 -40.89
C TRP A 15 -0.12 24.10 -42.31
N SER A 27 -6.87 15.14 -47.17
CA SER A 27 -6.99 14.19 -46.05
C SER A 27 -5.84 14.27 -45.02
N TYR A 28 -6.12 14.83 -43.84
CA TYR A 28 -5.12 14.92 -42.76
C TYR A 28 -5.48 14.17 -41.48
N ALA A 29 -4.45 13.55 -40.88
CA ALA A 29 -4.55 12.88 -39.60
C ALA A 29 -3.59 13.55 -38.62
N VAL A 30 -3.85 13.45 -37.32
CA VAL A 30 -2.94 13.97 -36.31
C VAL A 30 -2.35 12.87 -35.43
N GLN A 31 -1.03 12.81 -35.32
CA GLN A 31 -0.37 11.96 -34.33
C GLN A 31 0.00 12.80 -33.12
N ALA A 32 0.28 12.16 -31.99
CA ALA A 32 0.76 12.87 -30.81
C ALA A 32 1.70 12.04 -29.95
N ARG A 33 2.52 12.72 -29.15
CA ARG A 33 3.55 12.07 -28.34
C ARG A 33 3.79 12.77 -27.01
N THR A 34 3.76 11.99 -25.94
CA THR A 34 3.96 12.46 -24.58
C THR A 34 5.01 11.65 -23.86
N PRO A 35 5.56 12.18 -22.76
CA PRO A 35 6.38 11.40 -21.84
C PRO A 35 5.78 10.02 -21.55
N PHE A 36 4.45 9.99 -21.46
CA PHE A 36 3.71 8.80 -21.03
C PHE A 36 3.20 7.92 -22.18
N SER A 37 2.97 8.52 -23.34
CA SER A 37 2.56 7.71 -24.47
C SER A 37 3.74 6.84 -24.87
N VAL A 38 3.47 5.78 -25.60
CA VAL A 38 4.55 5.01 -26.18
C VAL A 38 4.65 5.43 -27.63
N GLY A 39 5.67 6.24 -27.92
CA GLY A 39 5.81 6.88 -29.21
C GLY A 39 4.60 7.71 -29.62
N TRP A 40 4.18 7.55 -30.86
CA TRP A 40 3.06 8.33 -31.37
C TRP A 40 1.79 7.49 -31.46
N GLN A 41 0.65 8.15 -31.30
CA GLN A 41 -0.64 7.53 -31.49
C GLN A 41 -1.55 8.56 -32.13
N SER A 42 -2.62 8.08 -32.76
CA SER A 42 -3.60 8.98 -33.33
C SER A 42 -4.30 9.73 -32.20
N VAL A 43 -4.89 10.86 -32.54
CA VAL A 43 -5.72 11.61 -31.63
C VAL A 43 -6.99 12.02 -32.37
N ARG A 44 -8.06 12.27 -31.62
CA ARG A 44 -9.32 12.68 -32.20
C ARG A 44 -9.26 14.18 -32.49
N THR A 45 -10.11 14.63 -33.41
CA THR A 45 -10.04 15.99 -33.90
C THR A 45 -11.40 16.62 -34.14
N VAL A 46 -11.41 17.95 -34.27
CA VAL A 46 -12.56 18.68 -34.76
C VAL A 46 -12.14 19.61 -35.89
N PRO A 47 -12.55 19.29 -37.12
CA PRO A 47 -13.46 18.20 -37.49
C PRO A 47 -12.86 16.81 -37.36
N GLU A 48 -13.72 15.81 -37.19
CA GLU A 48 -13.31 14.41 -37.00
C GLU A 48 -12.42 13.97 -38.15
N VAL A 49 -12.88 14.34 -39.35
CA VAL A 49 -12.17 14.16 -40.60
C VAL A 49 -11.70 15.52 -41.10
N ILE A 50 -10.53 15.55 -41.72
CA ILE A 50 -9.90 16.80 -42.13
C ILE A 50 -9.69 16.86 -43.65
N ASP A 51 -10.54 17.60 -44.36
CA ASP A 51 -10.50 17.68 -45.84
C ASP A 51 -9.33 18.52 -46.36
N GLY A 52 -8.77 18.09 -47.48
CA GLY A 52 -7.60 18.72 -48.10
C GLY A 52 -7.67 20.24 -48.24
N THR A 54 -8.82 22.65 -45.75
CA THR A 54 -8.73 22.88 -44.31
C THR A 54 -7.29 22.73 -43.80
N HIS A 55 -6.68 23.84 -43.39
CA HIS A 55 -5.29 23.80 -42.98
C HIS A 55 -5.14 24.14 -41.50
N THR A 56 -6.15 23.76 -40.72
CA THR A 56 -6.11 23.82 -39.26
C THR A 56 -7.18 22.89 -38.69
N ALA A 57 -6.99 22.45 -37.45
CA ALA A 57 -8.01 21.64 -36.77
C ALA A 57 -7.76 21.59 -35.28
N THR A 58 -8.71 20.99 -34.55
CA THR A 58 -8.71 21.01 -33.10
C THR A 58 -8.49 19.62 -32.49
N VAL A 59 -7.33 19.42 -31.86
CA VAL A 59 -7.02 18.20 -31.13
C VAL A 59 -7.82 18.17 -29.84
N VAL A 60 -8.53 17.07 -29.56
CA VAL A 60 -9.35 17.03 -28.36
C VAL A 60 -9.07 15.82 -27.47
N GLU A 61 -9.78 15.77 -26.33
CA GLU A 61 -9.68 14.65 -25.39
C GLU A 61 -8.23 14.37 -25.03
N LEU A 62 -7.51 15.43 -24.67
CA LEU A 62 -6.14 15.34 -24.20
C LEU A 62 -6.10 15.26 -22.69
N ASN A 63 -4.95 14.88 -22.14
CA ASN A 63 -4.74 14.88 -20.69
C ASN A 63 -4.18 16.19 -20.17
N PRO A 64 -4.91 16.86 -19.26
CA PRO A 64 -4.47 18.09 -18.58
C PRO A 64 -3.10 17.95 -17.95
N TRP A 65 -2.31 19.03 -17.97
CA TRP A 65 -0.99 19.08 -17.33
C TRP A 65 -0.12 17.92 -17.80
N VAL A 66 -0.03 17.74 -19.11
CA VAL A 66 0.81 16.72 -19.72
C VAL A 66 1.51 17.31 -20.95
N GLU A 67 2.81 17.09 -21.09
CA GLU A 67 3.58 17.64 -22.20
C GLU A 67 3.29 16.94 -23.54
N TYR A 68 2.98 17.73 -24.58
CA TYR A 68 2.66 17.14 -25.87
C TYR A 68 3.55 17.55 -27.04
N GLU A 69 3.78 16.59 -27.93
CA GLU A 69 4.27 16.87 -29.26
C GLU A 69 3.18 16.45 -30.25
N PHE A 70 3.10 17.15 -31.37
CA PHE A 70 2.19 16.70 -32.43
C PHE A 70 2.93 16.64 -33.76
N ARG A 71 2.53 15.71 -34.61
CA ARG A 71 2.93 15.72 -36.01
C ARG A 71 1.68 15.57 -36.84
N ILE A 72 1.77 15.95 -38.11
CA ILE A 72 0.62 15.84 -39.00
C ILE A 72 0.95 14.84 -40.11
N VAL A 73 -0.08 14.11 -40.57
CA VAL A 73 0.09 13.13 -41.65
C VAL A 73 -0.95 13.28 -42.75
N ALA A 74 -0.50 13.27 -44.00
CA ALA A 74 -1.39 13.31 -45.14
C ALA A 74 -1.41 11.95 -45.85
N SER A 75 -2.58 11.54 -46.31
CA SER A 75 -2.71 10.27 -47.04
C SER A 75 -3.95 10.29 -47.93
N GLY A 80 -0.72 7.29 -47.77
CA GLY A 80 0.05 7.24 -46.54
C GLY A 80 1.34 8.03 -46.62
N GLY A 81 1.24 9.36 -46.70
CA GLY A 81 2.41 10.21 -46.88
C GLY A 81 3.35 10.30 -45.69
N GLU A 82 4.51 10.89 -45.90
CA GLU A 82 5.54 10.96 -44.84
C GLU A 82 5.25 12.05 -43.82
N PRO A 83 5.09 11.65 -42.55
CA PRO A 83 4.71 12.48 -41.39
C PRO A 83 5.53 13.76 -41.26
N SER A 84 4.97 14.74 -40.55
CA SER A 84 5.63 16.03 -40.40
C SER A 84 6.66 16.01 -39.28
N LEU A 85 7.51 17.04 -39.26
CA LEU A 85 8.33 17.33 -38.10
C LEU A 85 7.40 17.67 -36.92
N PRO A 86 7.77 17.25 -35.71
CA PRO A 86 6.92 17.51 -34.53
C PRO A 86 6.80 19.00 -34.22
N SER A 87 5.74 19.36 -33.49
CA SER A 87 5.55 20.73 -33.02
C SER A 87 6.41 20.98 -31.80
N GLU A 88 6.47 22.23 -31.36
CA GLU A 88 7.20 22.54 -30.13
C GLU A 88 6.55 21.80 -28.96
N LYS A 89 7.38 21.37 -28.00
CA LYS A 89 6.87 20.68 -26.84
C LYS A 89 6.01 21.63 -26.01
N VAL A 90 4.73 21.34 -25.94
CA VAL A 90 3.80 22.18 -25.21
C VAL A 90 3.15 21.37 -24.11
N ARG A 91 2.77 22.05 -23.05
CA ARG A 91 2.09 21.41 -21.93
C ARG A 91 0.65 21.93 -21.84
N THR A 92 -0.30 21.01 -21.68
CA THR A 92 -1.70 21.37 -21.59
C THR A 92 -2.02 22.01 -20.25
N GLU A 93 -3.13 22.73 -20.20
CA GLU A 93 -3.51 23.40 -18.98
C GLU A 93 -3.94 22.39 -17.89
N GLU A 94 -3.83 22.81 -16.64
CA GLU A 94 -4.11 21.95 -15.49
C GLU A 94 -5.61 21.91 -15.24
N ALA A 95 -6.08 20.93 -14.47
CA ALA A 95 -7.48 20.83 -14.07
C ALA A 95 -7.62 19.99 -12.82
N ALA A 96 -8.71 20.12 -12.08
CA ALA A 96 -8.94 19.27 -10.92
C ALA A 96 -8.74 17.83 -11.35
N PRO A 97 -8.25 16.98 -10.43
CA PRO A 97 -8.07 15.57 -10.81
C PRO A 97 -9.41 14.89 -10.81
N GLU A 98 -9.49 13.72 -11.42
CA GLU A 98 -10.78 13.12 -11.61
C GLU A 98 -10.78 11.64 -11.35
N ILE A 99 -9.65 11.12 -10.91
CA ILE A 99 -9.61 9.70 -10.61
C ILE A 99 -9.14 9.47 -9.16
N ALA A 100 -10.02 8.81 -8.40
CA ALA A 100 -9.78 8.42 -7.03
C ALA A 100 -8.79 7.27 -6.98
N PRO A 101 -8.08 7.10 -5.85
CA PRO A 101 -7.13 5.98 -5.78
C PRO A 101 -7.80 4.62 -5.54
N SER A 102 -7.11 3.53 -5.85
CA SER A 102 -7.66 2.17 -5.69
C SER A 102 -7.10 1.47 -4.45
N GLU A 103 -7.53 0.23 -4.21
CA GLU A 103 -7.11 -0.66 -3.09
C GLU A 103 -6.83 0.06 -1.79
N VAL A 104 -7.74 0.95 -1.41
CA VAL A 104 -7.71 1.56 -0.09
C VAL A 104 -7.92 0.50 0.99
N SER A 105 -6.98 0.43 1.92
CA SER A 105 -6.99 -0.60 2.93
C SER A 105 -6.10 -0.15 4.09
N GLY A 106 -5.49 -1.10 4.77
CA GLY A 106 -4.56 -0.81 5.83
C GLY A 106 -4.78 -1.70 7.03
N GLY A 107 -4.31 -1.23 8.18
CA GLY A 107 -4.33 -1.97 9.43
C GLY A 107 -2.92 -2.39 9.78
N GLY A 108 -2.76 -3.00 10.95
CA GLY A 108 -1.44 -3.35 11.45
C GLY A 108 -0.87 -2.21 12.27
N GLY A 109 0.39 -2.30 12.67
CA GLY A 109 1.04 -1.17 13.33
C GLY A 109 1.30 -1.28 14.82
N SER A 110 1.94 -0.26 15.37
CA SER A 110 2.31 -0.20 16.80
C SER A 110 1.11 0.24 17.61
N ARG A 111 1.13 0.01 18.92
CA ARG A 111 -0.01 0.38 19.75
C ARG A 111 -0.31 1.86 19.58
N SER A 112 -1.61 2.17 19.56
CA SER A 112 -2.14 3.53 19.43
C SER A 112 -2.08 4.07 17.99
N GLU A 113 -1.88 3.18 17.03
CA GLU A 113 -1.83 3.62 15.64
C GLU A 113 -3.03 3.15 14.83
N LEU A 114 -3.24 3.85 13.74
CA LEU A 114 -4.15 3.42 12.71
C LEU A 114 -3.43 3.63 11.38
N VAL A 115 -3.27 2.56 10.61
CA VAL A 115 -2.49 2.61 9.38
C VAL A 115 -3.41 2.48 8.16
N ILE A 116 -3.29 3.42 7.24
CA ILE A 116 -4.15 3.50 6.06
C ILE A 116 -3.27 3.36 4.80
N THR A 117 -3.75 2.66 3.76
CA THR A 117 -2.94 2.48 2.54
C THR A 117 -3.76 2.50 1.28
N TRP A 118 -3.07 2.74 0.17
CA TRP A 118 -3.71 2.80 -1.13
C TRP A 118 -2.68 2.67 -2.24
N ASP A 119 -3.14 2.31 -3.42
CA ASP A 119 -2.26 2.27 -4.58
C ASP A 119 -2.17 3.69 -5.10
N PRO A 120 -0.97 4.12 -5.54
CA PRO A 120 -0.77 5.47 -6.04
C PRO A 120 -1.45 5.76 -7.39
N VAL A 121 -1.94 6.98 -7.54
CA VAL A 121 -2.49 7.47 -8.82
C VAL A 121 -1.37 7.90 -9.76
N PRO A 122 -1.31 7.32 -10.97
CA PRO A 122 -0.27 7.61 -11.96
C PRO A 122 -0.12 9.09 -12.24
N GLU A 123 1.04 9.49 -12.70
CA GLU A 123 1.31 10.90 -12.87
C GLU A 123 0.49 11.51 -14.04
N GLU A 124 0.30 10.72 -15.10
CA GLU A 124 -0.55 11.13 -16.22
C GLU A 124 -1.97 11.46 -15.77
N LEU A 125 -2.39 10.93 -14.64
CA LEU A 125 -3.76 11.08 -14.17
C LEU A 125 -3.91 12.09 -13.07
N GLN A 126 -2.87 12.88 -12.85
CA GLN A 126 -2.87 13.78 -11.71
C GLN A 126 -3.37 15.16 -12.11
N ASN A 127 -3.22 15.47 -13.40
CA ASN A 127 -3.83 16.64 -14.03
C ASN A 127 -3.37 18.01 -13.55
N GLY A 128 -2.33 18.06 -12.74
CA GLY A 128 -1.85 19.35 -12.29
C GLY A 128 -0.72 19.19 -11.32
N GLY A 129 -0.14 20.34 -10.95
CA GLY A 129 0.88 20.39 -9.93
C GLY A 129 0.23 20.45 -8.56
N GLY A 130 1.05 20.27 -7.53
CA GLY A 130 0.58 20.35 -6.17
C GLY A 130 -0.41 19.25 -5.87
N PHE A 131 -0.24 18.13 -6.56
CA PHE A 131 -1.09 16.95 -6.35
C PHE A 131 -0.79 16.28 -5.02
N GLY A 132 -1.80 15.68 -4.42
CA GLY A 132 -1.62 14.93 -3.21
C GLY A 132 -2.90 14.20 -2.86
N TYR A 133 -2.93 13.60 -1.68
CA TYR A 133 -4.13 12.86 -1.29
C TYR A 133 -4.74 13.45 -0.06
N VAL A 134 -6.04 13.30 0.04
CA VAL A 134 -6.75 13.60 1.27
C VAL A 134 -7.13 12.28 1.96
N VAL A 135 -6.73 12.16 3.22
CA VAL A 135 -7.03 10.95 3.95
C VAL A 135 -8.10 11.31 4.98
N ALA A 136 -9.24 10.61 4.86
CA ALA A 136 -10.39 10.82 5.74
C ALA A 136 -10.70 9.54 6.56
N PHE A 137 -10.87 9.71 7.86
CA PHE A 137 -11.10 8.55 8.70
C PHE A 137 -11.90 8.96 9.93
N ARG A 138 -12.62 7.98 10.45
CA ARG A 138 -13.37 8.15 11.68
C ARG A 138 -13.68 6.77 12.25
N PRO A 139 -13.77 6.69 13.57
CA PRO A 139 -14.17 5.44 14.19
C PRO A 139 -15.55 5.02 13.68
N LEU A 140 -15.73 3.77 13.30
CA LEU A 140 -17.03 3.24 12.84
C LEU A 140 -18.20 3.69 13.73
N GLY A 141 -19.15 4.39 13.11
CA GLY A 141 -20.34 4.81 13.83
C GLY A 141 -20.18 6.19 14.44
N VAL A 142 -19.20 6.95 13.94
CA VAL A 142 -18.98 8.35 14.31
C VAL A 142 -19.38 9.22 13.13
N THR A 143 -19.83 10.44 13.41
CA THR A 143 -20.26 11.37 12.38
C THR A 143 -19.15 12.33 11.87
N THR A 144 -18.28 12.76 12.78
CA THR A 144 -17.19 13.68 12.42
C THR A 144 -16.04 12.98 11.73
N TRP A 145 -15.76 13.37 10.48
CA TRP A 145 -14.55 12.93 9.82
C TRP A 145 -13.32 13.65 10.39
N ILE A 146 -12.17 13.02 10.22
CA ILE A 146 -10.90 13.69 10.35
C ILE A 146 -10.28 13.53 8.99
N GLN A 147 -10.00 14.66 8.33
CA GLN A 147 -9.41 14.62 6.99
C GLN A 147 -8.14 15.42 6.96
N THR A 148 -7.09 14.78 6.47
CA THR A 148 -5.78 15.39 6.47
C THR A 148 -5.10 15.13 5.13
N VAL A 149 -4.05 15.89 4.88
CA VAL A 149 -3.34 15.95 3.63
C VAL A 149 -2.06 15.13 3.72
N VAL A 150 -1.78 14.27 2.75
CA VAL A 150 -0.40 13.77 2.64
C VAL A 150 0.21 14.01 1.25
N PRO A 153 3.21 12.24 0.05
CA PRO A 153 3.52 11.49 -1.17
C PRO A 153 5.04 11.60 -1.47
N ASP A 154 5.65 10.69 -2.22
CA ASP A 154 5.00 9.51 -2.77
C ASP A 154 5.22 8.29 -1.87
N ASN A 155 4.73 8.39 -0.65
CA ASN A 155 4.62 7.21 0.17
C ASN A 155 3.13 7.06 0.45
N PRO A 156 2.47 6.12 -0.27
CA PRO A 156 1.01 5.95 -0.21
C PRO A 156 0.59 5.21 1.05
N ARG A 157 0.96 5.80 2.18
CA ARG A 157 0.75 5.24 3.51
C ARG A 157 0.53 6.40 4.45
N TYR A 158 -0.54 6.33 5.24
CA TYR A 158 -0.74 7.32 6.30
C TYR A 158 -0.86 6.61 7.66
N VAL A 159 -0.13 7.12 8.65
CA VAL A 159 -0.23 6.63 10.03
C VAL A 159 -0.82 7.70 10.92
N PHE A 160 -1.94 7.42 11.58
CA PHE A 160 -2.47 8.29 12.64
C PHE A 160 -2.08 7.80 14.03
N ARG A 161 -1.46 8.68 14.81
CA ARG A 161 -1.08 8.33 16.18
C ARG A 161 -1.84 9.14 17.19
N ASN A 162 -2.50 8.45 18.11
CA ASN A 162 -3.18 9.10 19.21
C ASN A 162 -3.44 8.13 20.35
N GLU A 163 -3.12 8.53 21.57
CA GLU A 163 -3.35 7.71 22.76
C GLU A 163 -4.79 7.17 22.86
N SER A 164 -5.74 8.02 22.48
CA SER A 164 -7.15 7.70 22.62
C SER A 164 -7.59 6.61 21.67
N ILE A 165 -6.83 6.33 20.61
CA ILE A 165 -7.25 5.27 19.70
C ILE A 165 -7.44 3.95 20.45
N VAL A 166 -8.66 3.42 20.32
CA VAL A 166 -9.02 2.13 20.86
C VAL A 166 -8.45 1.00 19.99
N PRO A 167 -7.71 0.05 20.61
CA PRO A 167 -6.96 -0.94 19.85
C PRO A 167 -7.85 -1.86 19.07
N PHE A 168 -7.48 -2.10 17.82
CA PHE A 168 -8.21 -3.03 16.97
C PHE A 168 -9.67 -2.65 16.92
N SER A 169 -9.92 -1.40 16.57
CA SER A 169 -11.25 -0.88 16.33
C SER A 169 -11.43 -0.62 14.87
N PRO A 170 -12.66 -0.82 14.37
CA PRO A 170 -12.90 -0.53 12.96
C PRO A 170 -13.00 0.99 12.73
N TYR A 171 -12.37 1.44 11.66
CA TYR A 171 -12.49 2.82 11.22
C TYR A 171 -13.11 2.84 9.83
N GLU A 172 -13.95 3.83 9.57
CA GLU A 172 -14.36 4.11 8.21
C GLU A 172 -13.23 4.92 7.61
N VAL A 173 -12.81 4.55 6.40
CA VAL A 173 -11.69 5.21 5.73
C VAL A 173 -11.96 5.46 4.24
N LYS A 174 -11.91 6.73 3.83
CA LYS A 174 -11.85 7.03 2.40
C LYS A 174 -10.60 7.89 2.07
N VAL A 175 -10.04 7.71 0.87
CA VAL A 175 -8.93 8.52 0.37
C VAL A 175 -9.33 9.28 -0.89
N GLY A 176 -9.04 10.57 -0.92
CA GLY A 176 -9.31 11.35 -2.11
C GLY A 176 -8.08 12.01 -2.72
N VAL A 177 -8.31 12.76 -3.77
CA VAL A 177 -7.22 13.44 -4.46
C VAL A 177 -7.50 14.92 -4.63
N TYR A 178 -6.43 15.70 -4.78
CA TYR A 178 -6.55 17.09 -5.14
C TYR A 178 -5.30 17.54 -5.86
N ASN A 179 -5.34 18.77 -6.36
CA ASN A 179 -4.15 19.39 -6.86
C ASN A 179 -4.38 20.89 -6.77
N ASN A 180 -3.53 21.69 -7.40
CA ASN A 180 -3.64 23.11 -7.23
C ASN A 180 -4.92 23.69 -7.77
N LYS A 181 -5.56 23.00 -8.71
CA LYS A 181 -6.74 23.57 -9.31
C LYS A 181 -8.03 23.13 -8.62
N GLY A 182 -7.93 22.18 -7.70
CA GLY A 182 -9.08 21.84 -6.88
C GLY A 182 -9.14 20.39 -6.44
N GLU A 183 -10.32 19.94 -6.04
CA GLU A 183 -10.51 18.59 -5.50
C GLU A 183 -10.99 17.58 -6.53
N GLY A 184 -10.71 16.31 -6.26
CA GLY A 184 -11.12 15.20 -7.09
C GLY A 184 -11.98 14.23 -6.31
N PRO A 185 -12.34 13.10 -6.92
CA PRO A 185 -13.18 12.11 -6.24
C PRO A 185 -12.53 11.49 -5.00
N PHE A 186 -13.41 10.97 -4.17
CA PHE A 186 -13.02 10.15 -3.05
C PHE A 186 -13.20 8.71 -3.46
N SER A 187 -12.34 7.84 -2.94
CA SER A 187 -12.58 6.39 -2.96
C SER A 187 -13.89 6.09 -2.24
N PRO A 188 -14.43 4.89 -2.44
CA PRO A 188 -15.56 4.48 -1.58
C PRO A 188 -15.12 4.33 -0.13
N VAL A 189 -16.07 4.35 0.77
CA VAL A 189 -15.78 4.18 2.19
C VAL A 189 -15.51 2.72 2.42
N THR A 190 -14.41 2.41 3.09
CA THR A 190 -14.16 1.04 3.50
C THR A 190 -13.73 0.96 4.97
N THR A 191 -13.69 -0.25 5.50
CA THR A 191 -13.43 -0.49 6.92
C THR A 191 -11.99 -0.89 7.24
N VAL A 192 -11.36 -0.19 8.18
CA VAL A 192 -9.99 -0.48 8.55
C VAL A 192 -9.89 -0.57 10.05
N PHE A 193 -9.20 -1.60 10.55
CA PHE A 193 -9.00 -1.76 11.99
C PHE A 193 -7.73 -1.07 12.43
N SER A 194 -7.78 -0.49 13.62
CA SER A 194 -6.61 0.13 14.21
C SER A 194 -5.65 -0.95 14.68
N ALA A 195 -4.40 -0.57 14.87
CA ALA A 195 -3.39 -1.48 15.40
C ALA A 195 -3.88 -2.18 16.67
N GLU A 196 -3.49 -3.44 16.88
CA GLU A 196 -3.98 -4.19 18.04
C GLU A 196 -3.15 -3.87 19.31
N GLU A 197 -3.58 -4.28 20.51
CA GLU A 197 -2.71 -4.13 21.67
C GLU A 197 -1.90 -5.40 21.72
N GLU A 198 -0.63 -5.28 22.09
CA GLU A 198 0.24 -6.45 22.13
C GLU A 198 -0.15 -7.38 23.25
N PRO A 199 0.21 -8.67 23.14
CA PRO A 199 -0.15 -9.57 24.25
C PRO A 199 0.61 -9.17 25.53
N THR A 200 -0.07 -9.17 26.67
CA THR A 200 0.56 -8.67 27.91
C THR A 200 0.98 -9.82 28.81
N VAL A 201 0.52 -11.02 28.49
CA VAL A 201 0.77 -12.18 29.34
C VAL A 201 1.40 -13.34 28.61
N ALA A 202 1.99 -14.24 29.40
CA ALA A 202 2.86 -15.28 28.87
C ALA A 202 2.20 -16.63 29.03
N PRO A 203 2.47 -17.55 28.10
CA PRO A 203 1.88 -18.89 28.17
C PRO A 203 2.28 -19.64 29.44
N SER A 204 1.25 -20.06 30.17
CA SER A 204 1.35 -20.90 31.34
C SER A 204 1.82 -22.34 31.04
N HIS A 205 2.41 -22.98 32.04
CA HIS A 205 2.64 -24.41 32.03
C HIS A 205 3.34 -24.95 30.76
N ILE A 206 4.36 -24.22 30.35
CA ILE A 206 5.33 -24.70 29.36
C ILE A 206 6.11 -25.88 29.93
N SER A 207 6.47 -26.82 29.05
CA SER A 207 7.19 -28.04 29.42
C SER A 207 8.08 -28.50 28.27
N ALA A 208 8.99 -29.42 28.54
CA ALA A 208 9.91 -29.90 27.51
C ALA A 208 10.43 -31.27 27.84
N HIS A 209 10.36 -32.18 26.87
CA HIS A 209 10.89 -33.54 27.02
C HIS A 209 11.70 -33.90 25.77
N SER A 210 12.73 -34.72 25.94
CA SER A 210 13.54 -35.14 24.79
C SER A 210 12.81 -36.27 24.10
N LEU A 211 12.84 -36.26 22.77
CA LEU A 211 12.21 -37.30 21.96
C LEU A 211 13.27 -38.28 21.47
N SER A 212 14.42 -37.73 21.10
CA SER A 212 15.55 -38.49 20.59
C SER A 212 16.85 -37.76 20.96
N SER A 213 17.95 -38.13 20.33
CA SER A 213 19.20 -37.41 20.55
C SER A 213 19.34 -36.20 19.62
N SER A 214 18.31 -35.91 18.83
CA SER A 214 18.39 -34.80 17.87
C SER A 214 17.14 -33.92 17.94
N GLU A 215 16.09 -34.42 18.58
CA GLU A 215 14.82 -33.70 18.66
C GLU A 215 14.38 -33.43 20.11
N ILE A 216 13.95 -32.20 20.38
CA ILE A 216 13.25 -31.88 21.62
C ILE A 216 11.87 -31.32 21.30
N GLU A 217 10.85 -31.83 21.97
CA GLU A 217 9.52 -31.24 21.87
C GLU A 217 9.26 -30.27 23.05
N VAL A 218 8.69 -29.12 22.70
CA VAL A 218 8.30 -28.15 23.70
C VAL A 218 6.77 -28.07 23.65
N SER A 219 6.13 -28.03 24.82
CA SER A 219 4.68 -27.84 24.86
C SER A 219 4.32 -26.70 25.77
N TRP A 220 3.28 -25.97 25.40
CA TRP A 220 2.74 -24.96 26.30
C TRP A 220 1.22 -24.96 26.26
N ASN A 221 0.65 -24.05 27.04
CA ASN A 221 -0.78 -23.87 27.12
C ASN A 221 -1.23 -22.67 26.31
N THR A 222 -2.51 -22.71 25.91
CA THR A 222 -3.15 -21.59 25.21
C THR A 222 -3.18 -20.38 26.10
N ILE A 223 -2.75 -19.26 25.54
CA ILE A 223 -2.73 -18.01 26.27
C ILE A 223 -4.10 -17.36 26.17
N PRO A 224 -4.52 -16.67 27.24
CA PRO A 224 -5.76 -15.91 27.12
C PRO A 224 -5.62 -14.84 26.05
N TRP A 225 -6.72 -14.53 25.39
CA TRP A 225 -6.68 -13.62 24.26
C TRP A 225 -7.84 -12.67 24.42
N LYS A 226 -7.63 -11.39 24.18
CA LYS A 226 -8.72 -10.42 24.24
C LYS A 226 -9.12 -9.97 22.83
N LEU A 227 -10.35 -9.47 22.69
CA LEU A 227 -10.78 -8.77 21.50
C LEU A 227 -9.73 -7.74 21.01
N SER A 228 -9.11 -7.01 21.93
CA SER A 228 -8.18 -5.95 21.53
C SER A 228 -6.88 -6.49 20.97
N ASN A 229 -6.66 -7.80 21.11
CA ASN A 229 -5.39 -8.40 20.70
C ASN A 229 -5.35 -8.78 19.23
N GLY A 230 -6.52 -8.75 18.61
CA GLY A 230 -6.60 -9.01 17.19
C GLY A 230 -6.43 -10.47 16.84
N HIS A 231 -5.66 -10.75 15.81
CA HIS A 231 -5.41 -12.13 15.42
C HIS A 231 -4.09 -12.64 16.00
N LEU A 232 -4.15 -13.75 16.71
CA LEU A 232 -2.95 -14.45 17.14
C LEU A 232 -2.18 -14.95 15.92
N LEU A 233 -1.00 -14.40 15.67
CA LEU A 233 -0.24 -14.83 14.50
C LEU A 233 0.45 -16.14 14.80
N GLY A 234 0.83 -16.34 16.05
CA GLY A 234 1.55 -17.54 16.40
C GLY A 234 2.32 -17.44 17.71
N TYR A 235 3.16 -18.44 17.96
CA TYR A 235 4.03 -18.48 19.12
C TYR A 235 5.49 -18.51 18.62
N GLU A 236 6.37 -17.78 19.32
CA GLU A 236 7.81 -17.81 19.06
C GLU A 236 8.51 -18.62 20.13
N VAL A 237 9.19 -19.68 19.70
CA VAL A 237 9.94 -20.50 20.64
C VAL A 237 11.43 -20.21 20.54
N ARG A 238 12.02 -19.69 21.62
CA ARG A 238 13.44 -19.44 21.60
C ARG A 238 14.17 -20.53 22.37
N TYR A 239 15.31 -20.96 21.83
CA TYR A 239 16.12 -21.97 22.50
C TYR A 239 17.60 -21.73 22.29
N TRP A 240 18.38 -22.33 23.17
CA TRP A 240 19.84 -22.20 23.18
C TRP A 240 20.46 -23.25 24.05
N ASN A 241 21.79 -23.33 24.02
CA ASN A 241 22.52 -24.21 24.93
C ASN A 241 23.69 -23.48 25.57
N ASN A 242 24.63 -24.25 26.13
CA ASN A 242 25.89 -23.71 26.65
C ASN A 242 27.09 -24.51 26.13
N GLY A 243 28.04 -23.81 25.50
CA GLY A 243 29.18 -24.47 24.88
C GLY A 243 29.32 -24.14 23.39
N GLY A 244 30.36 -24.69 22.77
CA GLY A 244 30.62 -24.44 21.36
C GLY A 244 30.88 -22.97 21.09
N SER A 249 22.37 -19.91 19.85
CA SER A 249 20.99 -19.50 20.08
C SER A 249 20.15 -19.46 18.81
N ARG A 250 18.87 -19.82 18.92
CA ARG A 250 17.97 -19.89 17.77
C ARG A 250 16.51 -19.61 18.09
N LYS A 251 15.64 -19.65 17.08
CA LYS A 251 14.20 -19.61 17.34
C LYS A 251 13.36 -20.29 16.25
N VAL A 252 12.23 -20.85 16.67
CA VAL A 252 11.23 -21.43 15.76
C VAL A 252 9.87 -20.74 15.94
N LYS A 253 9.24 -20.32 14.87
CA LYS A 253 7.88 -19.77 14.99
C LYS A 253 6.87 -20.87 14.62
N VAL A 254 5.65 -20.74 15.14
CA VAL A 254 4.70 -21.82 15.04
C VAL A 254 3.27 -21.24 14.92
N ALA A 255 2.36 -21.91 14.21
CA ALA A 255 1.06 -21.29 13.94
C ALA A 255 0.29 -21.04 15.23
N GLY A 256 -0.82 -20.33 15.13
CA GLY A 256 -1.54 -19.91 16.31
C GLY A 256 -2.45 -20.99 16.86
N ASN A 257 -2.89 -21.89 15.98
CA ASN A 257 -3.65 -23.04 16.40
C ASN A 257 -2.72 -24.03 17.08
N GLN A 258 -1.46 -24.07 16.63
CA GLN A 258 -0.44 -24.94 17.22
C GLN A 258 -0.08 -24.54 18.65
N THR A 259 0.30 -25.51 19.46
CA THR A 259 0.47 -25.27 20.89
C THR A 259 1.62 -26.14 21.47
N SER A 260 2.57 -26.43 20.57
CA SER A 260 3.56 -27.47 20.72
C SER A 260 4.53 -27.32 19.54
N ALA A 261 5.78 -27.78 19.69
CA ALA A 261 6.75 -27.67 18.60
C ALA A 261 7.92 -28.61 18.80
N VAL A 262 8.45 -29.14 17.70
CA VAL A 262 9.60 -30.05 17.79
C VAL A 262 10.84 -29.35 17.28
N LEU A 263 11.84 -29.24 18.12
CA LEU A 263 13.11 -28.66 17.69
C LEU A 263 13.97 -29.74 17.05
N ARG A 264 14.28 -29.60 15.77
CA ARG A 264 15.07 -30.60 15.05
C ARG A 264 16.55 -30.21 14.95
N GLY A 265 17.37 -31.10 14.39
CA GLY A 265 18.77 -30.81 14.12
C GLY A 265 19.63 -30.48 15.32
N LEU A 266 19.24 -30.98 16.50
CA LEU A 266 19.99 -30.76 17.73
C LEU A 266 21.14 -31.75 17.90
N LYS A 267 22.13 -31.32 18.69
CA LYS A 267 23.28 -32.14 19.07
C LYS A 267 22.90 -33.21 20.13
N SER A 268 23.58 -34.37 20.08
CA SER A 268 23.31 -35.47 21.02
C SER A 268 23.83 -35.17 22.44
N ASN A 269 23.22 -35.76 23.46
CA ASN A 269 23.63 -35.64 24.87
C ASN A 269 24.00 -34.22 25.32
N LEU A 270 23.03 -33.32 25.29
CA LEU A 270 23.25 -31.91 25.61
C LEU A 270 21.94 -31.24 26.04
N ALA A 271 22.02 -30.33 27.01
CA ALA A 271 20.85 -29.62 27.49
C ALA A 271 20.55 -28.37 26.65
N TYR A 272 19.27 -28.18 26.36
CA TYR A 272 18.79 -26.96 25.76
C TYR A 272 17.83 -26.29 26.71
N TYR A 273 17.74 -24.98 26.57
CA TYR A 273 16.82 -24.22 27.37
C TYR A 273 15.86 -23.59 26.42
N THR A 274 14.67 -23.28 26.89
CA THR A 274 13.69 -22.79 25.97
C THR A 274 12.56 -22.10 26.69
N ALA A 275 11.88 -21.22 25.95
CA ALA A 275 10.80 -20.41 26.48
C ALA A 275 9.95 -19.85 25.32
N VAL A 276 8.66 -19.67 25.56
CA VAL A 276 7.79 -19.22 24.47
C VAL A 276 7.04 -17.97 24.79
N ARG A 277 6.68 -17.27 23.72
CA ARG A 277 5.82 -16.13 23.84
C ARG A 277 4.89 -16.08 22.65
N ALA A 278 3.70 -15.51 22.83
CA ALA A 278 2.77 -15.33 21.74
C ALA A 278 3.06 -13.98 21.06
N TYR A 279 2.69 -13.84 19.79
CA TYR A 279 2.76 -12.53 19.13
C TYR A 279 1.57 -12.28 18.23
N ASN A 280 1.30 -11.01 17.98
CA ASN A 280 0.31 -10.62 16.99
C ASN A 280 0.96 -9.61 16.05
N SER A 281 0.17 -8.91 15.24
CA SER A 281 0.73 -7.92 14.33
C SER A 281 1.41 -6.79 15.08
N ALA A 282 1.08 -6.62 16.35
CA ALA A 282 1.58 -5.48 17.11
C ALA A 282 2.82 -5.81 17.95
N GLY A 283 3.18 -7.08 18.02
CA GLY A 283 4.36 -7.48 18.76
C GLY A 283 4.16 -8.71 19.63
N ALA A 284 5.15 -8.98 20.47
CA ALA A 284 5.14 -10.18 21.30
C ALA A 284 4.84 -9.90 22.77
N GLY A 285 4.23 -10.89 23.43
CA GLY A 285 4.02 -10.85 24.86
C GLY A 285 5.27 -11.27 25.63
N PRO A 286 5.16 -11.25 26.96
CA PRO A 286 6.27 -11.72 27.80
C PRO A 286 6.63 -13.17 27.45
N PHE A 287 7.87 -13.56 27.69
CA PHE A 287 8.23 -14.96 27.63
C PHE A 287 7.74 -15.72 28.85
N SER A 288 7.28 -16.94 28.59
CA SER A 288 7.05 -17.94 29.62
C SER A 288 8.32 -18.25 30.41
N ALA A 289 8.17 -19.11 31.39
CA ALA A 289 9.29 -19.61 32.14
C ALA A 289 10.29 -20.27 31.22
N THR A 290 11.54 -20.33 31.65
CA THR A 290 12.57 -21.02 30.91
C THR A 290 12.70 -22.43 31.44
N VAL A 291 12.48 -23.40 30.55
CA VAL A 291 12.55 -24.80 30.95
C VAL A 291 13.69 -25.44 30.18
N ASN A 292 14.04 -26.67 30.56
CA ASN A 292 15.18 -27.31 29.95
C ASN A 292 14.98 -28.81 29.83
N ALA A 293 15.48 -29.35 28.74
CA ALA A 293 15.49 -30.79 28.56
C ALA A 293 16.82 -31.18 27.96
N THR A 294 17.15 -32.46 28.05
CA THR A 294 18.43 -32.96 27.59
C THR A 294 18.25 -34.07 26.54
N THR A 295 18.82 -33.86 25.36
CA THR A 295 18.82 -34.86 24.31
C THR A 295 19.47 -36.18 24.73
N LYS A 296 18.95 -37.28 24.23
CA LYS A 296 19.42 -38.62 24.56
C LYS A 296 20.87 -38.91 24.09
N LYS A 297 21.34 -40.16 24.24
CA LYS A 297 22.76 -40.52 24.05
C LYS A 297 23.69 -39.65 24.89
#